data_2QSE
#
_entry.id   2QSE
#
_cell.length_a   56.081
_cell.length_b   84.044
_cell.length_c   58.668
_cell.angle_alpha   90.000
_cell.angle_beta   108.850
_cell.angle_gamma   90.000
#
_symmetry.space_group_name_H-M   'P 1 21 1'
#
loop_
_entity.id
_entity.type
_entity.pdbx_description
1 polymer 'Estrogen receptor'
2 polymer 'Nuclear receptor coactivator 2'
3 non-polymer 4-(2-amino-1-methyl-1H-imidazo[4,5-b]pyridin-6-yl)phenol
4 water water
#
loop_
_entity_poly.entity_id
_entity_poly.type
_entity_poly.pdbx_seq_one_letter_code
_entity_poly.pdbx_strand_id
1 'polypeptide(L)'
;SIKRSKKNSLALSLTADQMVSALLDAEPPILYSEYDPTRPFSEASMMGLLTNLADRELVHMINWAKRVPGFVDLTLHDQV
HLLECAWLEILMIGLVWRSMEHPGKLLFAPNLLLDRNQGKCVEGMVEIFDMLLATSSRFRMMNLQGEEFVCLKSIILLNS
GVYTFLSSTLKSLEEKDHIHRVLDKITDTLIHLMAKAGLTLQQQHQRLAQLLLILSHIRHMSNKGMEHLYSMKCKNVVPL
SDLLLEMLDAHRLHAPTS
;
A,B
2 'polypeptide(L)' KHKILHRLLQDSS C,D
#
loop_
_chem_comp.id
_chem_comp.type
_chem_comp.name
_chem_comp.formula
1HP non-polymer 4-(2-amino-1-methyl-1H-imidazo[4,5-b]pyridin-6-yl)phenol 'C13 H12 N4 O'
#
# COMPACT_ATOMS: atom_id res chain seq x y z
N SER A 9 11.10 -24.78 -6.87
CA SER A 9 12.01 -25.02 -8.02
C SER A 9 11.28 -24.91 -9.36
N LEU A 10 10.07 -25.48 -9.44
CA LEU A 10 9.29 -25.47 -10.68
C LEU A 10 9.17 -24.06 -11.24
N ALA A 11 8.82 -23.11 -10.35
CA ALA A 11 8.57 -21.70 -10.69
C ALA A 11 9.78 -21.02 -11.27
N LEU A 12 10.95 -21.30 -10.72
CA LEU A 12 12.17 -20.65 -11.20
C LEU A 12 12.60 -21.20 -12.57
N SER A 13 12.11 -22.39 -12.92
CA SER A 13 12.40 -23.00 -14.22
C SER A 13 11.39 -22.67 -15.32
N LEU A 14 10.17 -22.31 -14.97
CA LEU A 14 9.15 -21.89 -15.94
C LEU A 14 9.62 -20.74 -16.88
N THR A 15 9.25 -20.81 -18.16
CA THR A 15 9.41 -19.68 -19.08
C THR A 15 8.32 -18.64 -18.78
N ALA A 16 8.53 -17.40 -19.22
CA ALA A 16 7.46 -16.38 -19.16
C ALA A 16 6.14 -16.92 -19.70
N ASP A 17 6.15 -17.59 -20.85
CA ASP A 17 4.88 -18.03 -21.43
C ASP A 17 4.21 -19.11 -20.59
N GLN A 18 5.03 -19.95 -19.97
CA GLN A 18 4.54 -21.03 -19.13
C GLN A 18 4.01 -20.53 -17.81
N MET A 19 4.63 -19.47 -17.29
CA MET A 19 4.13 -18.82 -16.10
C MET A 19 2.73 -18.27 -16.38
N VAL A 20 2.59 -17.53 -17.46
CA VAL A 20 1.29 -16.98 -17.89
C VAL A 20 0.26 -18.10 -18.07
N SER A 21 0.58 -19.15 -18.81
CA SER A 21 -0.34 -20.28 -18.98
C SER A 21 -0.71 -20.92 -17.65
N ALA A 22 0.26 -21.12 -16.77
CA ALA A 22 0.01 -21.64 -15.44
C ALA A 22 -0.96 -20.74 -14.68
N LEU A 23 -0.72 -19.43 -14.69
CA LEU A 23 -1.60 -18.48 -13.96
C LEU A 23 -3.02 -18.41 -14.56
N LEU A 24 -3.12 -18.43 -15.89
CA LEU A 24 -4.43 -18.44 -16.55
C LEU A 24 -5.18 -19.72 -16.18
N ASP A 25 -4.49 -20.86 -16.21
CA ASP A 25 -5.11 -22.15 -15.92
C ASP A 25 -5.61 -22.19 -14.48
N ALA A 26 -4.86 -21.56 -13.58
CA ALA A 26 -5.19 -21.55 -12.15
C ALA A 26 -6.38 -20.67 -11.77
N GLU A 27 -6.87 -19.82 -12.67
CA GLU A 27 -7.92 -18.86 -12.32
C GLU A 27 -9.17 -19.48 -11.69
N PRO A 28 -9.70 -18.86 -10.62
CA PRO A 28 -10.91 -19.39 -10.00
C PRO A 28 -12.16 -19.15 -10.87
N PRO A 29 -13.27 -19.89 -10.62
CA PRO A 29 -14.46 -19.57 -11.44
C PRO A 29 -15.14 -18.29 -10.98
N ILE A 30 -16.01 -17.72 -11.82
CA ILE A 30 -16.86 -16.60 -11.39
C ILE A 30 -18.15 -17.16 -10.77
N LEU A 31 -18.44 -16.75 -9.55
CA LEU A 31 -19.58 -17.32 -8.82
C LEU A 31 -20.77 -16.37 -8.86
N TYR A 32 -21.94 -16.93 -8.63
CA TYR A 32 -23.18 -16.19 -8.54
C TYR A 32 -23.57 -15.93 -7.11
N SER A 33 -24.32 -14.85 -6.97
CA SER A 33 -24.97 -14.48 -5.75
C SER A 33 -26.25 -15.31 -5.59
N GLU A 34 -26.82 -15.26 -4.38
CA GLU A 34 -28.15 -15.84 -4.08
C GLU A 34 -29.25 -15.11 -4.86
N ARG A 39 -37.47 -9.27 -3.16
CA ARG A 39 -36.90 -8.61 -4.33
C ARG A 39 -35.97 -7.44 -3.92
N PRO A 40 -36.49 -6.21 -3.73
CA PRO A 40 -35.67 -5.09 -3.21
C PRO A 40 -34.67 -5.38 -2.05
N PHE A 41 -33.56 -4.65 -2.06
CA PHE A 41 -32.54 -4.78 -1.00
C PHE A 41 -32.94 -4.07 0.28
N SER A 42 -32.43 -4.61 1.38
CA SER A 42 -32.30 -3.87 2.63
C SER A 42 -30.80 -3.74 2.87
N GLU A 43 -30.44 -3.02 3.91
CA GLU A 43 -29.04 -2.92 4.33
C GLU A 43 -28.52 -4.32 4.70
N ALA A 44 -29.38 -5.11 5.36
CA ALA A 44 -29.03 -6.45 5.82
C ALA A 44 -28.91 -7.46 4.66
N SER A 45 -29.91 -7.49 3.78
CA SER A 45 -29.92 -8.43 2.65
C SER A 45 -28.66 -8.21 1.84
N MET A 46 -28.39 -6.95 1.54
CA MET A 46 -27.22 -6.50 0.82
C MET A 46 -25.91 -7.16 1.32
N MET A 47 -25.48 -6.77 2.52
CA MET A 47 -24.22 -7.26 3.07
C MET A 47 -24.18 -8.78 3.25
N GLY A 48 -25.33 -9.40 3.52
CA GLY A 48 -25.40 -10.85 3.59
C GLY A 48 -25.05 -11.48 2.27
N LEU A 49 -25.59 -10.93 1.18
CA LEU A 49 -25.25 -11.40 -0.16
C LEU A 49 -23.75 -11.30 -0.43
N LEU A 50 -23.15 -10.17 -0.04
CA LEU A 50 -21.72 -9.91 -0.26
C LEU A 50 -20.81 -10.81 0.58
N THR A 51 -21.14 -11.00 1.85
CA THR A 51 -20.32 -11.82 2.73
C THR A 51 -20.52 -13.32 2.42
N ASN A 52 -21.70 -13.69 1.95
CA ASN A 52 -21.94 -15.08 1.55
C ASN A 52 -21.09 -15.39 0.31
N LEU A 53 -21.07 -14.45 -0.62
CA LEU A 53 -20.26 -14.55 -1.81
C LEU A 53 -18.78 -14.62 -1.49
N ALA A 54 -18.31 -13.68 -0.67
CA ALA A 54 -16.91 -13.64 -0.21
C ALA A 54 -16.51 -14.98 0.37
N ASP A 55 -17.34 -15.55 1.22
CA ASP A 55 -17.02 -16.81 1.86
C ASP A 55 -16.83 -17.92 0.79
N ARG A 56 -17.72 -17.97 -0.17
CA ARG A 56 -17.60 -18.98 -1.24
C ARG A 56 -16.37 -18.72 -2.12
N GLU A 57 -16.08 -17.46 -2.44
CA GLU A 57 -14.85 -17.10 -3.15
C GLU A 57 -13.56 -17.47 -2.42
N LEU A 58 -13.55 -17.34 -1.11
CA LEU A 58 -12.40 -17.67 -0.33
C LEU A 58 -12.02 -19.16 -0.48
N VAL A 59 -13.00 -20.05 -0.55
CA VAL A 59 -12.68 -21.49 -0.71
C VAL A 59 -11.96 -21.72 -2.04
N HIS A 60 -12.49 -21.12 -3.09
CA HIS A 60 -11.82 -21.16 -4.40
C HIS A 60 -10.44 -20.45 -4.46
N MET A 61 -10.26 -19.36 -3.71
CA MET A 61 -8.97 -18.66 -3.59
C MET A 61 -7.85 -19.58 -3.09
N ILE A 62 -8.19 -20.43 -2.12
CA ILE A 62 -7.21 -21.33 -1.55
C ILE A 62 -6.68 -22.29 -2.59
N ASN A 63 -7.57 -22.86 -3.41
CA ASN A 63 -7.14 -23.72 -4.52
C ASN A 63 -6.27 -23.01 -5.52
N TRP A 64 -6.64 -21.77 -5.83
CA TRP A 64 -5.88 -20.96 -6.75
C TRP A 64 -4.49 -20.71 -6.16
N ALA A 65 -4.41 -20.34 -4.89
CA ALA A 65 -3.12 -19.99 -4.32
C ALA A 65 -2.18 -21.18 -4.46
N LYS A 66 -2.72 -22.38 -4.23
CA LYS A 66 -1.91 -23.59 -4.28
C LYS A 66 -1.34 -23.81 -5.69
N ARG A 67 -1.93 -23.17 -6.70
CA ARG A 67 -1.49 -23.29 -8.08
C ARG A 67 -0.62 -22.15 -8.59
N VAL A 68 -0.43 -21.13 -7.74
CA VAL A 68 0.50 -20.07 -8.04
C VAL A 68 1.92 -20.64 -7.91
N PRO A 69 2.70 -20.63 -9.01
CA PRO A 69 4.04 -21.20 -8.95
C PRO A 69 4.84 -20.62 -7.82
N GLY A 70 5.49 -21.50 -7.04
CA GLY A 70 6.23 -21.09 -5.87
C GLY A 70 5.50 -21.26 -4.55
N PHE A 71 4.17 -21.10 -4.57
CA PHE A 71 3.41 -21.03 -3.29
C PHE A 71 3.44 -22.35 -2.51
N VAL A 72 3.33 -23.49 -3.18
CA VAL A 72 3.36 -24.76 -2.43
C VAL A 72 4.77 -25.12 -1.98
N ASP A 73 5.80 -24.41 -2.45
CA ASP A 73 7.16 -24.59 -1.90
C ASP A 73 7.25 -24.10 -0.47
N LEU A 74 6.34 -23.21 -0.08
CA LEU A 74 6.37 -22.55 1.23
C LEU A 74 5.83 -23.45 2.31
N THR A 75 6.16 -23.19 3.56
CA THR A 75 5.58 -23.95 4.66
C THR A 75 4.11 -23.62 4.83
N LEU A 76 3.37 -24.53 5.43
CA LEU A 76 1.96 -24.32 5.69
C LEU A 76 1.74 -23.04 6.50
N HIS A 77 2.63 -22.77 7.47
CA HIS A 77 2.54 -21.53 8.27
C HIS A 77 2.71 -20.28 7.42
N ASP A 78 3.69 -20.31 6.53
CA ASP A 78 3.87 -19.18 5.61
C ASP A 78 2.70 -18.99 4.65
N GLN A 79 2.13 -20.09 4.16
CA GLN A 79 0.97 -20.02 3.28
C GLN A 79 -0.24 -19.39 3.98
N VAL A 80 -0.50 -19.82 5.21
CA VAL A 80 -1.57 -19.25 6.05
C VAL A 80 -1.37 -17.76 6.24
N HIS A 81 -0.16 -17.36 6.62
CA HIS A 81 0.14 -15.95 6.85
C HIS A 81 -0.10 -15.12 5.59
N LEU A 82 0.40 -15.58 4.43
CA LEU A 82 0.20 -14.82 3.16
C LEU A 82 -1.25 -14.69 2.78
N LEU A 83 -2.00 -15.78 2.89
CA LEU A 83 -3.44 -15.70 2.63
C LEU A 83 -4.20 -14.83 3.65
N GLU A 84 -3.90 -14.96 4.95
CA GLU A 84 -4.50 -14.07 5.96
C GLU A 84 -4.25 -12.56 5.69
N CYS A 85 -3.07 -12.23 5.21
CA CYS A 85 -2.74 -10.85 4.92
CA CYS A 85 -2.74 -10.85 4.88
C CYS A 85 -3.44 -10.36 3.63
N ALA A 86 -3.50 -11.23 2.63
CA ALA A 86 -3.85 -10.84 1.25
C ALA A 86 -5.29 -11.03 0.84
N TRP A 87 -6.06 -11.80 1.59
CA TRP A 87 -7.32 -12.30 1.04
C TRP A 87 -8.27 -11.21 0.55
N LEU A 88 -8.40 -10.10 1.28
CA LEU A 88 -9.37 -9.04 0.89
C LEU A 88 -8.82 -8.29 -0.29
N GLU A 89 -7.50 -8.07 -0.34
CA GLU A 89 -6.88 -7.47 -1.51
C GLU A 89 -7.15 -8.28 -2.76
N ILE A 90 -7.05 -9.60 -2.65
CA ILE A 90 -7.27 -10.52 -3.76
C ILE A 90 -8.75 -10.50 -4.21
N LEU A 91 -9.68 -10.55 -3.25
CA LEU A 91 -11.09 -10.40 -3.61
C LEU A 91 -11.36 -9.08 -4.31
N MET A 92 -10.76 -8.03 -3.79
CA MET A 92 -10.98 -6.70 -4.35
C MET A 92 -10.39 -6.53 -5.74
N ILE A 93 -9.19 -7.05 -5.96
CA ILE A 93 -8.62 -6.89 -7.32
C ILE A 93 -9.46 -7.70 -8.34
N GLY A 94 -9.93 -8.87 -7.94
CA GLY A 94 -10.85 -9.67 -8.77
C GLY A 94 -12.13 -8.90 -9.09
N LEU A 95 -12.71 -8.28 -8.07
CA LEU A 95 -13.93 -7.47 -8.28
C LEU A 95 -13.69 -6.31 -9.27
N VAL A 96 -12.63 -5.55 -9.05
CA VAL A 96 -12.23 -4.46 -9.95
C VAL A 96 -12.07 -4.99 -11.38
N TRP A 97 -11.30 -6.07 -11.53
CA TRP A 97 -11.09 -6.68 -12.86
C TRP A 97 -12.41 -7.02 -13.58
N ARG A 98 -13.30 -7.73 -12.89
CA ARG A 98 -14.63 -8.10 -13.42
C ARG A 98 -15.48 -6.90 -13.81
N SER A 99 -15.32 -5.81 -13.07
CA SER A 99 -16.04 -4.57 -13.29
C SER A 99 -15.46 -3.64 -14.37
N MET A 100 -14.26 -3.89 -14.89
CA MET A 100 -13.58 -2.99 -15.87
C MET A 100 -14.51 -2.45 -16.98
N GLU A 101 -15.20 -3.39 -17.61
CA GLU A 101 -16.07 -3.12 -18.78
C GLU A 101 -17.49 -2.62 -18.41
N HIS A 102 -17.72 -2.31 -17.14
CA HIS A 102 -19.00 -1.84 -16.66
C HIS A 102 -18.81 -0.53 -15.91
N PRO A 103 -18.53 0.55 -16.65
CA PRO A 103 -18.28 1.86 -16.01
C PRO A 103 -19.36 2.27 -15.02
N GLY A 104 -18.96 2.66 -13.82
CA GLY A 104 -19.91 3.12 -12.77
C GLY A 104 -20.55 2.00 -11.97
N LYS A 105 -20.17 0.77 -12.26
CA LYS A 105 -20.79 -0.36 -11.64
C LYS A 105 -19.74 -1.30 -11.11
N LEU A 106 -20.10 -2.04 -10.07
CA LEU A 106 -19.25 -3.14 -9.55
C LEU A 106 -19.96 -4.47 -9.79
N LEU A 107 -19.30 -5.38 -10.51
CA LEU A 107 -19.85 -6.68 -10.85
C LEU A 107 -19.42 -7.65 -9.78
N PHE A 108 -20.19 -7.65 -8.69
CA PHE A 108 -19.92 -8.57 -7.58
C PHE A 108 -20.15 -10.02 -8.05
N ALA A 109 -21.21 -10.22 -8.83
CA ALA A 109 -21.43 -11.48 -9.51
C ALA A 109 -22.18 -11.18 -10.79
N PRO A 110 -22.26 -12.16 -11.71
CA PRO A 110 -22.95 -11.80 -12.95
C PRO A 110 -24.41 -11.40 -12.72
N ASN A 111 -25.00 -11.83 -11.61
CA ASN A 111 -26.37 -11.49 -11.24
C ASN A 111 -26.45 -10.52 -10.07
N LEU A 112 -25.36 -9.77 -9.85
CA LEU A 112 -25.31 -8.73 -8.82
C LEU A 112 -24.28 -7.72 -9.28
N LEU A 113 -24.78 -6.83 -10.13
CA LEU A 113 -24.05 -5.74 -10.73
C LEU A 113 -24.66 -4.49 -10.10
N LEU A 114 -23.87 -3.85 -9.25
CA LEU A 114 -24.33 -2.79 -8.37
C LEU A 114 -23.75 -1.42 -8.75
N ASP A 115 -24.59 -0.39 -8.70
CA ASP A 115 -24.11 0.97 -8.92
C ASP A 115 -23.75 1.66 -7.59
N ARG A 116 -23.15 2.83 -7.69
CA ARG A 116 -22.72 3.60 -6.49
C ARG A 116 -23.86 4.10 -5.56
N ASN A 117 -24.80 4.87 -6.10
CA ASN A 117 -25.84 5.56 -5.31
C ASN A 117 -27.20 5.06 -5.70
N CYS A 121 -26.27 2.50 0.47
CA CYS A 121 -27.28 2.09 1.45
C CYS A 121 -26.80 1.12 2.55
N VAL A 122 -25.51 0.78 2.53
CA VAL A 122 -24.84 0.13 3.65
C VAL A 122 -23.98 1.21 4.33
N GLU A 123 -24.28 1.52 5.58
CA GLU A 123 -23.54 2.56 6.29
C GLU A 123 -22.05 2.28 6.14
N GLY A 124 -21.36 3.19 5.47
CA GLY A 124 -19.91 3.13 5.31
C GLY A 124 -19.40 2.60 3.97
N MET A 125 -20.27 1.95 3.21
CA MET A 125 -19.85 1.26 2.00
C MET A 125 -19.49 2.20 0.83
N VAL A 126 -20.08 3.40 0.78
CA VAL A 126 -19.92 4.28 -0.39
C VAL A 126 -18.49 4.73 -0.65
N GLU A 127 -17.75 5.03 0.41
CA GLU A 127 -16.37 5.49 0.27
C GLU A 127 -15.56 4.36 -0.35
N ILE A 128 -15.80 3.15 0.15
CA ILE A 128 -15.11 1.99 -0.37
C ILE A 128 -15.56 1.71 -1.82
N PHE A 129 -16.86 1.69 -2.10
CA PHE A 129 -17.34 1.53 -3.48
C PHE A 129 -16.67 2.50 -4.44
N ASP A 130 -16.61 3.77 -4.07
CA ASP A 130 -15.95 4.80 -4.88
C ASP A 130 -14.46 4.55 -5.18
N MET A 131 -13.74 4.05 -4.19
CA MET A 131 -12.35 3.67 -4.37
C MET A 131 -12.26 2.49 -5.35
N LEU A 132 -13.17 1.53 -5.22
CA LEU A 132 -13.19 0.36 -6.14
C LEU A 132 -13.50 0.80 -7.55
N LEU A 133 -14.49 1.69 -7.71
CA LEU A 133 -14.87 2.20 -9.04
C LEU A 133 -13.70 2.95 -9.69
N ALA A 134 -12.99 3.75 -8.90
CA ALA A 134 -11.83 4.52 -9.42
C ALA A 134 -10.73 3.60 -9.91
N THR A 135 -10.51 2.50 -9.20
CA THR A 135 -9.50 1.54 -9.60
C THR A 135 -9.91 0.81 -10.89
N SER A 136 -11.19 0.46 -11.02
CA SER A 136 -11.68 -0.18 -12.22
CA SER A 136 -11.64 -0.19 -12.24
C SER A 136 -11.48 0.80 -13.39
N SER A 137 -11.79 2.07 -13.13
CA SER A 137 -11.66 3.08 -14.16
C SER A 137 -10.19 3.21 -14.55
N ARG A 138 -9.30 3.14 -13.57
CA ARG A 138 -7.87 3.19 -13.89
C ARG A 138 -7.42 2.01 -14.76
N PHE A 139 -7.83 0.79 -14.41
CA PHE A 139 -7.62 -0.40 -15.25
C PHE A 139 -8.13 -0.24 -16.65
N ARG A 140 -9.32 0.30 -16.76
CA ARG A 140 -9.87 0.54 -18.06
C ARG A 140 -9.03 1.53 -18.85
N MET A 141 -8.60 2.62 -18.21
CA MET A 141 -7.81 3.61 -18.91
C MET A 141 -6.47 3.07 -19.37
N MET A 142 -5.88 2.19 -18.58
CA MET A 142 -4.63 1.52 -18.98
C MET A 142 -4.84 0.35 -19.96
N ASN A 143 -6.09 0.00 -20.25
CA ASN A 143 -6.38 -1.21 -21.01
C ASN A 143 -5.68 -2.45 -20.44
N LEU A 144 -5.79 -2.61 -19.13
CA LEU A 144 -5.25 -3.78 -18.44
C LEU A 144 -5.67 -5.09 -19.13
N GLN A 145 -4.72 -5.98 -19.37
CA GLN A 145 -4.96 -7.25 -20.02
C GLN A 145 -5.09 -8.37 -19.01
N GLY A 146 -5.81 -9.41 -19.40
CA GLY A 146 -6.03 -10.55 -18.56
C GLY A 146 -4.74 -11.19 -18.08
N GLU A 147 -3.74 -11.24 -18.96
CA GLU A 147 -2.42 -11.82 -18.60
C GLU A 147 -1.70 -10.97 -17.56
N GLU A 148 -1.85 -9.66 -17.66
CA GLU A 148 -1.33 -8.75 -16.65
C GLU A 148 -2.02 -8.90 -15.33
N PHE A 149 -3.35 -8.93 -15.38
CA PHE A 149 -4.17 -9.08 -14.18
C PHE A 149 -3.74 -10.28 -13.35
N VAL A 150 -3.54 -11.44 -13.99
CA VAL A 150 -3.17 -12.62 -13.21
C VAL A 150 -1.79 -12.50 -12.60
N CYS A 151 -0.85 -11.83 -13.27
CA CYS A 151 0.45 -11.55 -12.67
C CYS A 151 0.31 -10.69 -11.42
N LEU A 152 -0.53 -9.67 -11.49
CA LEU A 152 -0.70 -8.73 -10.41
C LEU A 152 -1.35 -9.41 -9.21
N LYS A 153 -2.32 -10.29 -9.46
CA LYS A 153 -3.00 -10.96 -8.37
C LYS A 153 -2.02 -11.89 -7.61
N SER A 154 -1.10 -12.54 -8.33
CA SER A 154 -0.08 -13.39 -7.71
CA SER A 154 -0.09 -13.39 -7.69
C SER A 154 0.95 -12.57 -6.92
N ILE A 155 1.28 -11.38 -7.43
CA ILE A 155 2.18 -10.47 -6.71
C ILE A 155 1.54 -10.11 -5.36
N ILE A 156 0.25 -9.74 -5.36
CA ILE A 156 -0.44 -9.42 -4.09
C ILE A 156 -0.31 -10.55 -3.09
N LEU A 157 -0.60 -11.79 -3.54
CA LEU A 157 -0.47 -12.95 -2.65
C LEU A 157 0.90 -13.07 -2.00
N LEU A 158 1.95 -12.98 -2.83
CA LEU A 158 3.31 -13.19 -2.37
C LEU A 158 3.91 -11.97 -1.67
N ASN A 159 3.48 -10.77 -2.03
CA ASN A 159 4.07 -9.54 -1.47
C ASN A 159 3.44 -9.08 -0.19
N SER A 160 2.14 -9.19 -0.04
CA SER A 160 1.49 -8.40 1.00
C SER A 160 1.98 -8.75 2.43
N GLY A 161 2.24 -10.01 2.70
CA GLY A 161 2.71 -10.44 4.01
C GLY A 161 4.18 -10.79 4.12
N VAL A 162 4.95 -10.52 3.08
CA VAL A 162 6.35 -11.00 3.03
C VAL A 162 7.27 -10.31 4.04
N TYR A 163 6.97 -9.07 4.41
CA TYR A 163 7.79 -8.33 5.40
C TYR A 163 7.30 -8.56 6.83
N THR A 164 6.09 -9.09 6.98
CA THR A 164 5.55 -9.41 8.32
C THR A 164 5.89 -10.83 8.80
N PHE A 165 6.84 -11.49 8.12
CA PHE A 165 7.48 -12.70 8.67
C PHE A 165 8.36 -12.31 9.88
N LEU A 166 8.07 -12.90 11.04
CA LEU A 166 8.67 -12.46 12.31
C LEU A 166 10.03 -13.10 12.61
N SER A 167 10.10 -14.43 12.55
CA SER A 167 11.31 -15.17 12.96
C SER A 167 12.59 -14.73 12.27
N SER A 168 13.68 -14.65 13.05
CA SER A 168 14.99 -14.22 12.55
C SER A 168 15.84 -15.40 12.06
N THR A 169 15.24 -16.59 12.06
CA THR A 169 15.97 -17.83 11.82
C THR A 169 16.50 -17.99 10.40
N LEU A 170 17.34 -19.01 10.23
CA LEU A 170 17.94 -19.33 8.93
C LEU A 170 16.91 -19.93 7.97
N LYS A 171 15.98 -20.69 8.52
CA LYS A 171 14.84 -21.19 7.74
C LYS A 171 13.96 -20.02 7.29
N SER A 172 13.82 -18.99 8.13
CA SER A 172 12.99 -17.82 7.81
C SER A 172 13.48 -17.02 6.60
N LEU A 173 14.80 -16.82 6.49
CA LEU A 173 15.36 -15.98 5.43
C LEU A 173 15.42 -16.71 4.09
N GLU A 174 15.89 -17.96 4.10
CA GLU A 174 15.79 -18.85 2.95
C GLU A 174 14.38 -18.81 2.35
N GLU A 175 13.39 -18.81 3.24
CA GLU A 175 11.97 -18.62 2.89
C GLU A 175 11.67 -17.33 2.11
N LYS A 176 12.02 -16.20 2.73
CA LYS A 176 11.70 -14.88 2.17
C LYS A 176 12.45 -14.66 0.85
N ASP A 177 13.68 -15.17 0.81
CA ASP A 177 14.48 -15.16 -0.39
C ASP A 177 13.82 -15.92 -1.55
N HIS A 178 13.25 -17.09 -1.27
CA HIS A 178 12.52 -17.85 -2.30
C HIS A 178 11.33 -17.02 -2.79
N ILE A 179 10.57 -16.45 -1.86
CA ILE A 179 9.45 -15.55 -2.21
C ILE A 179 9.92 -14.37 -3.11
N HIS A 180 11.05 -13.76 -2.80
CA HIS A 180 11.57 -12.65 -3.58
C HIS A 180 12.06 -13.07 -4.97
N ARG A 181 12.59 -14.29 -5.09
CA ARG A 181 13.01 -14.83 -6.41
C ARG A 181 11.77 -15.11 -7.27
N VAL A 182 10.72 -15.64 -6.65
CA VAL A 182 9.45 -15.82 -7.35
C VAL A 182 8.84 -14.48 -7.79
N LEU A 183 8.86 -13.49 -6.90
CA LEU A 183 8.35 -12.17 -7.24
C LEU A 183 9.13 -11.61 -8.44
N ASP A 184 10.43 -11.82 -8.48
CA ASP A 184 11.22 -11.29 -9.59
C ASP A 184 10.82 -11.98 -10.89
N LYS A 185 10.55 -13.28 -10.83
CA LYS A 185 10.10 -13.99 -12.03
C LYS A 185 8.77 -13.46 -12.53
N ILE A 186 7.87 -13.11 -11.62
CA ILE A 186 6.58 -12.52 -12.03
C ILE A 186 6.81 -11.12 -12.67
N THR A 187 7.76 -10.35 -12.15
CA THR A 187 8.14 -9.08 -12.77
C THR A 187 8.65 -9.33 -14.20
N ASP A 188 9.56 -10.27 -14.33
CA ASP A 188 10.05 -10.70 -15.66
C ASP A 188 8.90 -11.06 -16.61
N THR A 189 7.90 -11.79 -16.08
CA THR A 189 6.72 -12.18 -16.84
C THR A 189 5.90 -10.98 -17.30
N LEU A 190 5.68 -10.01 -16.39
CA LEU A 190 4.98 -8.79 -16.81
C LEU A 190 5.74 -8.07 -17.89
N ILE A 191 7.05 -7.99 -17.77
CA ILE A 191 7.85 -7.28 -18.76
C ILE A 191 7.77 -8.00 -20.12
N HIS A 192 7.87 -9.33 -20.10
CA HIS A 192 7.71 -10.18 -21.29
C HIS A 192 6.41 -9.88 -22.02
N LEU A 193 5.32 -9.85 -21.26
CA LEU A 193 4.04 -9.53 -21.86
C LEU A 193 4.07 -8.16 -22.51
N MET A 194 4.67 -7.18 -21.87
CA MET A 194 4.69 -5.83 -22.42
C MET A 194 5.56 -5.74 -23.67
N ALA A 195 6.67 -6.46 -23.66
CA ALA A 195 7.58 -6.48 -24.79
C ALA A 195 6.90 -7.13 -25.98
N LYS A 196 6.22 -8.25 -25.70
CA LYS A 196 5.41 -9.01 -26.67
C LYS A 196 4.36 -8.13 -27.34
N ALA A 197 3.78 -7.22 -26.55
CA ALA A 197 2.75 -6.34 -27.01
C ALA A 197 3.30 -5.17 -27.79
N GLY A 198 4.60 -5.05 -27.94
CA GLY A 198 5.18 -3.99 -28.78
C GLY A 198 5.63 -2.74 -28.05
N LEU A 199 5.60 -2.74 -26.72
CA LEU A 199 6.02 -1.57 -25.97
C LEU A 199 7.52 -1.35 -26.06
N THR A 200 7.94 -0.08 -26.16
CA THR A 200 9.37 0.28 -26.08
C THR A 200 9.84 -0.02 -24.65
N LEU A 201 11.16 -0.14 -24.47
CA LEU A 201 11.72 -0.28 -23.11
C LEU A 201 11.23 0.78 -22.16
N GLN A 202 11.23 2.02 -22.61
CA GLN A 202 10.75 3.11 -21.76
C GLN A 202 9.28 2.91 -21.35
N GLN A 203 8.44 2.52 -22.31
CA GLN A 203 7.02 2.25 -22.06
C GLN A 203 6.74 1.07 -21.15
N GLN A 204 7.57 0.04 -21.29
CA GLN A 204 7.52 -1.10 -20.42
C GLN A 204 7.75 -0.70 -18.96
N HIS A 205 8.82 0.06 -18.71
CA HIS A 205 9.18 0.44 -17.35
C HIS A 205 8.09 1.34 -16.76
N GLN A 206 7.62 2.29 -17.56
CA GLN A 206 6.51 3.13 -17.13
C GLN A 206 5.25 2.37 -16.79
N ARG A 207 4.91 1.38 -17.62
CA ARG A 207 3.67 0.65 -17.42
C ARG A 207 3.83 -0.26 -16.20
N LEU A 208 5.00 -0.87 -16.05
CA LEU A 208 5.24 -1.71 -14.91
C LEU A 208 5.00 -0.88 -13.63
N ALA A 209 5.56 0.31 -13.58
CA ALA A 209 5.40 1.18 -12.38
C ALA A 209 3.95 1.53 -12.13
N GLN A 210 3.23 1.84 -13.19
CA GLN A 210 1.84 2.23 -13.10
C GLN A 210 1.02 1.11 -12.48
N LEU A 211 1.24 -0.11 -12.97
CA LEU A 211 0.53 -1.26 -12.43
C LEU A 211 0.86 -1.52 -10.96
N LEU A 212 2.14 -1.47 -10.60
CA LEU A 212 2.51 -1.73 -9.21
C LEU A 212 2.04 -0.63 -8.25
N LEU A 213 1.97 0.62 -8.70
CA LEU A 213 1.39 1.69 -7.88
C LEU A 213 -0.09 1.50 -7.58
N ILE A 214 -0.81 0.82 -8.46
CA ILE A 214 -2.22 0.51 -8.19
C ILE A 214 -2.30 -0.43 -6.97
N LEU A 215 -1.28 -1.27 -6.78
CA LEU A 215 -1.32 -2.17 -5.62
C LEU A 215 -1.29 -1.43 -4.29
N SER A 216 -0.72 -0.23 -4.27
CA SER A 216 -0.75 0.61 -3.07
C SER A 216 -2.20 1.00 -2.77
N HIS A 217 -2.94 1.33 -3.82
CA HIS A 217 -4.37 1.67 -3.66
CA HIS A 217 -4.35 1.66 -3.67
C HIS A 217 -5.23 0.50 -3.26
N ILE A 218 -4.94 -0.69 -3.82
CA ILE A 218 -5.63 -1.92 -3.41
C ILE A 218 -5.35 -2.22 -1.93
N ARG A 219 -4.11 -2.04 -1.47
CA ARG A 219 -3.82 -2.20 -0.04
C ARG A 219 -4.65 -1.27 0.82
N HIS A 220 -4.69 0.00 0.43
CA HIS A 220 -5.50 0.98 1.13
C HIS A 220 -6.98 0.57 1.24
N MET A 221 -7.56 0.11 0.12
CA MET A 221 -8.94 -0.30 0.08
C MET A 221 -9.18 -1.50 0.98
N SER A 222 -8.27 -2.47 0.93
CA SER A 222 -8.36 -3.58 1.86
C SER A 222 -8.33 -3.16 3.34
N ASN A 223 -7.42 -2.27 3.69
CA ASN A 223 -7.34 -1.79 5.08
C ASN A 223 -8.68 -1.15 5.49
N LYS A 224 -9.23 -0.27 4.65
CA LYS A 224 -10.51 0.35 4.94
C LYS A 224 -11.66 -0.68 5.03
N GLY A 225 -11.69 -1.63 4.10
CA GLY A 225 -12.71 -2.67 4.07
C GLY A 225 -12.64 -3.56 5.29
N MET A 226 -11.42 -3.86 5.75
CA MET A 226 -11.23 -4.66 6.95
C MET A 226 -11.79 -3.95 8.19
N GLU A 227 -11.57 -2.64 8.30
CA GLU A 227 -12.18 -1.85 9.38
C GLU A 227 -13.71 -1.94 9.35
N HIS A 228 -14.28 -1.89 8.14
CA HIS A 228 -15.72 -1.95 7.93
C HIS A 228 -16.23 -3.32 8.37
N LEU A 229 -15.54 -4.36 7.94
CA LEU A 229 -15.90 -5.74 8.26
C LEU A 229 -15.81 -6.00 9.77
N TYR A 230 -14.81 -5.42 10.44
CA TYR A 230 -14.68 -5.60 11.88
C TYR A 230 -15.85 -4.96 12.64
N SER A 231 -16.23 -3.74 12.28
CA SER A 231 -17.38 -3.11 12.92
C SER A 231 -18.67 -3.91 12.66
N MET A 232 -18.77 -4.49 11.47
CA MET A 232 -19.91 -5.33 11.11
C MET A 232 -19.97 -6.56 12.02
N LYS A 233 -18.83 -7.20 12.24
CA LYS A 233 -18.75 -8.36 13.14
C LYS A 233 -19.22 -8.04 14.58
N CYS A 234 -18.67 -6.99 15.19
CA CYS A 234 -19.01 -6.60 16.57
C CYS A 234 -20.49 -6.32 16.77
N LYS A 235 -21.05 -5.56 15.84
CA LYS A 235 -22.47 -5.24 15.81
C LYS A 235 -23.35 -6.49 15.67
N ASN A 236 -22.77 -7.58 15.16
CA ASN A 236 -23.38 -8.91 15.23
C ASN A 236 -24.80 -9.00 14.65
N VAL A 237 -25.10 -8.19 13.65
CA VAL A 237 -26.40 -8.26 13.01
C VAL A 237 -26.30 -8.97 11.64
N VAL A 238 -25.17 -8.80 10.93
CA VAL A 238 -24.92 -9.57 9.70
C VAL A 238 -24.17 -10.89 10.00
N PRO A 239 -24.68 -12.01 9.44
CA PRO A 239 -24.03 -13.29 9.71
C PRO A 239 -22.75 -13.40 8.90
N LEU A 240 -21.67 -13.79 9.56
CA LEU A 240 -20.40 -14.08 8.89
C LEU A 240 -20.00 -15.53 9.13
N SER A 241 -19.46 -16.16 8.10
CA SER A 241 -18.97 -17.55 8.23
C SER A 241 -17.84 -17.66 9.22
N ASP A 242 -17.74 -18.84 9.84
CA ASP A 242 -16.61 -19.18 10.69
C ASP A 242 -15.28 -18.87 9.99
N LEU A 243 -15.18 -19.23 8.73
CA LEU A 243 -13.95 -18.93 7.98
C LEU A 243 -13.67 -17.44 7.87
N LEU A 244 -14.68 -16.66 7.52
CA LEU A 244 -14.55 -15.22 7.35
C LEU A 244 -14.16 -14.57 8.68
N LEU A 245 -14.81 -15.02 9.75
CA LEU A 245 -14.50 -14.57 11.12
C LEU A 245 -13.03 -14.81 11.51
N GLU A 246 -12.53 -16.01 11.19
CA GLU A 246 -11.10 -16.36 11.25
C GLU A 246 -10.21 -15.39 10.49
N MET A 247 -10.52 -15.18 9.22
CA MET A 247 -9.72 -14.32 8.37
C MET A 247 -9.69 -12.88 8.92
N LEU A 248 -10.83 -12.42 9.42
CA LEU A 248 -10.92 -11.09 10.02
C LEU A 248 -10.07 -11.01 11.29
N ASP A 249 -10.29 -11.99 12.19
CA ASP A 249 -9.48 -12.24 13.39
C ASP A 249 -7.97 -12.05 13.21
N ALA A 250 -7.44 -12.52 12.07
CA ALA A 250 -6.01 -12.39 11.75
C ALA A 250 -5.52 -10.94 11.59
N HIS A 251 -6.41 -10.04 11.25
CA HIS A 251 -6.07 -8.63 11.07
C HIS A 251 -6.20 -7.78 12.33
N ARG A 252 -6.95 -8.24 13.32
CA ARG A 252 -6.88 -7.67 14.66
C ARG A 252 -5.82 -8.45 15.43
N LEU A 253 -4.66 -8.66 14.79
CA LEU A 253 -3.54 -9.41 15.38
C LEU A 253 -2.24 -9.11 14.63
N LEU B 10 8.95 23.64 -15.60
CA LEU B 10 8.15 22.48 -16.07
C LEU B 10 8.82 21.18 -15.68
N ALA B 11 8.11 20.41 -14.87
CA ALA B 11 8.52 19.06 -14.46
C ALA B 11 8.86 18.20 -15.67
N LEU B 12 8.00 18.27 -16.67
CA LEU B 12 8.07 17.34 -17.79
C LEU B 12 9.31 17.54 -18.65
N SER B 13 9.86 18.76 -18.61
CA SER B 13 11.08 19.11 -19.36
C SER B 13 12.40 18.87 -18.59
N LEU B 14 12.33 18.69 -17.28
CA LEU B 14 13.52 18.34 -16.50
C LEU B 14 14.17 17.08 -17.07
N THR B 15 15.49 17.02 -17.11
CA THR B 15 16.19 15.76 -17.35
C THR B 15 16.13 14.88 -16.09
N ALA B 16 16.62 13.65 -16.19
CA ALA B 16 16.68 12.79 -15.01
C ALA B 16 17.63 13.40 -13.97
N ASP B 17 18.80 13.84 -14.39
CA ASP B 17 19.77 14.40 -13.43
C ASP B 17 19.24 15.67 -12.77
N GLN B 18 18.49 16.47 -13.52
CA GLN B 18 17.92 17.69 -12.96
C GLN B 18 16.79 17.36 -11.97
N MET B 19 16.05 16.29 -12.24
CA MET B 19 14.99 15.85 -11.33
C MET B 19 15.59 15.43 -9.99
N VAL B 20 16.66 14.64 -10.08
CA VAL B 20 17.35 14.15 -8.87
C VAL B 20 17.92 15.32 -8.07
N SER B 21 18.55 16.27 -8.76
CA SER B 21 19.11 17.45 -8.09
C SER B 21 18.02 18.23 -7.38
N ALA B 22 16.89 18.47 -8.06
CA ALA B 22 15.78 19.22 -7.45
C ALA B 22 15.33 18.52 -6.18
N LEU B 23 15.12 17.22 -6.26
CA LEU B 23 14.65 16.43 -5.13
C LEU B 23 15.64 16.41 -3.98
N LEU B 24 16.92 16.26 -4.26
CA LEU B 24 17.88 16.23 -3.18
C LEU B 24 17.99 17.61 -2.51
N ASP B 25 17.96 18.67 -3.31
CA ASP B 25 18.02 20.05 -2.78
C ASP B 25 16.80 20.40 -1.90
N ALA B 26 15.65 19.76 -2.20
CA ALA B 26 14.38 20.01 -1.52
C ALA B 26 14.26 19.30 -0.17
N GLU B 27 15.22 18.43 0.14
CA GLU B 27 15.09 17.57 1.30
C GLU B 27 14.95 18.39 2.59
N PRO B 28 14.03 18.00 3.47
CA PRO B 28 13.93 18.71 4.74
C PRO B 28 14.98 18.31 5.75
N PRO B 29 15.19 19.17 6.77
CA PRO B 29 16.20 18.87 7.78
C PRO B 29 15.73 17.80 8.68
N ILE B 30 16.67 17.19 9.40
CA ILE B 30 16.33 16.27 10.47
C ILE B 30 16.11 17.12 11.74
N LEU B 31 14.93 17.02 12.30
CA LEU B 31 14.58 17.83 13.48
C LEU B 31 14.83 17.06 14.80
N TYR B 32 14.97 17.80 15.91
CA TYR B 32 15.14 17.21 17.25
C TYR B 32 13.82 17.08 17.95
N SER B 33 13.67 16.06 18.78
CA SER B 33 12.50 15.98 19.64
CA SER B 33 12.52 15.93 19.67
C SER B 33 12.72 16.79 20.92
N GLU B 34 11.64 16.97 21.66
CA GLU B 34 11.64 17.63 22.96
C GLU B 34 11.92 16.63 24.08
N TYR B 35 12.64 15.56 23.76
CA TYR B 35 12.90 14.52 24.74
C TYR B 35 13.57 15.11 25.97
N ASP B 36 13.00 14.79 27.13
CA ASP B 36 13.54 15.19 28.46
C ASP B 36 14.10 14.00 29.23
N PRO B 37 15.42 13.85 29.27
CA PRO B 37 15.99 12.68 29.89
C PRO B 37 15.93 12.73 31.42
N THR B 38 15.36 13.77 32.00
CA THR B 38 15.34 13.88 33.47
C THR B 38 14.23 13.00 34.06
N ARG B 39 13.30 12.56 33.22
CA ARG B 39 12.11 11.85 33.66
C ARG B 39 11.90 10.57 32.85
N PRO B 40 11.30 9.55 33.47
CA PRO B 40 10.95 8.34 32.73
C PRO B 40 9.83 8.60 31.72
N PHE B 41 9.73 7.76 30.70
CA PHE B 41 8.62 7.85 29.77
C PHE B 41 7.36 7.39 30.41
N SER B 42 6.24 7.95 29.98
CA SER B 42 4.95 7.35 30.18
C SER B 42 4.34 7.19 28.79
N GLU B 43 3.22 6.48 28.69
CA GLU B 43 2.50 6.43 27.40
C GLU B 43 2.25 7.81 26.85
N ALA B 44 1.76 8.70 27.74
CA ALA B 44 1.40 10.04 27.36
C ALA B 44 2.61 10.88 26.92
N SER B 45 3.74 10.75 27.62
CA SER B 45 4.89 11.58 27.30
C SER B 45 5.56 11.07 26.02
N MET B 46 5.59 9.78 25.82
CA MET B 46 6.15 9.27 24.57
C MET B 46 5.29 9.70 23.37
N MET B 47 3.98 9.52 23.47
CA MET B 47 3.07 9.97 22.39
C MET B 47 3.22 11.48 22.18
N GLY B 48 3.38 12.25 23.27
CA GLY B 48 3.58 13.72 23.22
C GLY B 48 4.79 14.06 22.35
N LEU B 49 5.87 13.35 22.57
CA LEU B 49 7.08 13.55 21.77
C LEU B 49 6.91 13.26 20.31
N LEU B 50 6.26 12.15 19.97
CA LEU B 50 6.08 11.78 18.58
C LEU B 50 5.15 12.74 17.87
N THR B 51 4.07 13.17 18.54
CA THR B 51 3.12 14.11 17.91
C THR B 51 3.68 15.56 17.80
N ASN B 52 4.43 16.01 18.79
CA ASN B 52 5.15 17.27 18.73
C ASN B 52 6.12 17.29 17.58
N LEU B 53 6.89 16.23 17.40
CA LEU B 53 7.82 16.08 16.27
C LEU B 53 7.08 16.10 14.91
N ALA B 54 6.00 15.34 14.82
CA ALA B 54 5.27 15.23 13.56
C ALA B 54 4.75 16.60 13.15
N ASP B 55 4.23 17.33 14.13
CA ASP B 55 3.73 18.67 13.93
C ASP B 55 4.81 19.59 13.34
N ARG B 56 6.00 19.56 13.91
CA ARG B 56 7.05 20.41 13.38
C ARG B 56 7.53 19.92 12.03
N GLU B 57 7.61 18.60 11.86
CA GLU B 57 7.94 18.03 10.56
C GLU B 57 6.94 18.36 9.46
N LEU B 58 5.64 18.47 9.78
CA LEU B 58 4.62 18.76 8.77
C LEU B 58 4.87 20.10 8.14
N VAL B 59 5.33 21.08 8.91
CA VAL B 59 5.57 22.39 8.31
C VAL B 59 6.66 22.33 7.24
N HIS B 60 7.73 21.60 7.52
CA HIS B 60 8.80 21.40 6.56
C HIS B 60 8.34 20.56 5.38
N MET B 61 7.42 19.65 5.62
CA MET B 61 6.93 18.79 4.56
C MET B 61 6.16 19.63 3.53
N ILE B 62 5.36 20.55 4.02
CA ILE B 62 4.58 21.40 3.14
C ILE B 62 5.50 22.14 2.20
N ASN B 63 6.62 22.65 2.74
CA ASN B 63 7.60 23.38 1.93
C ASN B 63 8.39 22.50 0.97
N TRP B 64 8.70 21.29 1.42
CA TRP B 64 9.23 20.27 0.53
C TRP B 64 8.27 19.96 -0.63
N ALA B 65 6.97 19.78 -0.34
CA ALA B 65 6.02 19.35 -1.38
C ALA B 65 5.98 20.39 -2.51
N LYS B 66 5.98 21.66 -2.11
CA LYS B 66 6.00 22.76 -3.08
C LYS B 66 7.20 22.72 -4.02
N ARG B 67 8.27 22.03 -3.61
CA ARG B 67 9.46 21.87 -4.42
C ARG B 67 9.50 20.56 -5.22
N VAL B 68 8.55 19.66 -5.00
CA VAL B 68 8.46 18.44 -5.82
C VAL B 68 7.94 18.85 -7.23
N PRO B 69 8.75 18.63 -8.28
CA PRO B 69 8.30 19.13 -9.60
C PRO B 69 6.88 18.64 -9.96
N GLY B 70 6.06 19.56 -10.47
CA GLY B 70 4.68 19.27 -10.80
C GLY B 70 3.68 19.58 -9.71
N PHE B 71 4.10 19.58 -8.44
CA PHE B 71 3.13 19.75 -7.38
C PHE B 71 2.52 21.14 -7.37
N VAL B 72 3.29 22.19 -7.65
CA VAL B 72 2.72 23.55 -7.54
C VAL B 72 1.80 23.89 -8.72
N ASP B 73 1.82 23.06 -9.77
CA ASP B 73 0.90 23.20 -10.90
C ASP B 73 -0.57 22.87 -10.53
N LEU B 74 -0.75 22.09 -9.47
CA LEU B 74 -2.04 21.63 -9.06
C LEU B 74 -2.83 22.76 -8.36
N THR B 75 -4.15 22.70 -8.35
CA THR B 75 -4.94 23.64 -7.53
C THR B 75 -4.63 23.39 -6.03
N LEU B 76 -4.85 24.42 -5.22
CA LEU B 76 -4.65 24.30 -3.77
C LEU B 76 -5.47 23.15 -3.23
N HIS B 77 -6.67 22.95 -3.77
CA HIS B 77 -7.52 21.86 -3.31
C HIS B 77 -6.88 20.51 -3.56
N ASP B 78 -6.24 20.34 -4.71
CA ASP B 78 -5.61 19.07 -5.02
C ASP B 78 -4.33 18.88 -4.20
N GLN B 79 -3.56 19.95 -4.02
CA GLN B 79 -2.40 19.94 -3.12
C GLN B 79 -2.78 19.52 -1.72
N VAL B 80 -3.85 20.09 -1.20
CA VAL B 80 -4.38 19.71 0.11
C VAL B 80 -4.71 18.22 0.17
N HIS B 81 -5.45 17.72 -0.81
CA HIS B 81 -5.85 16.35 -0.85
C HIS B 81 -4.68 15.37 -0.86
N LEU B 82 -3.71 15.63 -1.71
CA LEU B 82 -2.52 14.76 -1.79
C LEU B 82 -1.73 14.72 -0.49
N LEU B 83 -1.55 15.86 0.16
CA LEU B 83 -0.83 15.87 1.42
C LEU B 83 -1.66 15.23 2.53
N GLU B 84 -2.97 15.51 2.57
CA GLU B 84 -3.85 14.85 3.51
C GLU B 84 -3.76 13.35 3.35
N CYS B 85 -3.69 12.85 2.12
CA CYS B 85 -3.68 11.42 1.92
CA CYS B 85 -3.66 11.40 1.93
C CYS B 85 -2.33 10.81 2.36
N ALA B 86 -1.25 11.46 1.98
CA ALA B 86 0.10 10.96 2.08
C ALA B 86 0.98 11.35 3.28
N TRP B 87 0.53 12.25 4.17
CA TRP B 87 1.44 12.83 5.16
C TRP B 87 2.16 11.79 6.02
N LEU B 88 1.41 10.82 6.53
CA LEU B 88 1.96 9.80 7.43
C LEU B 88 2.86 8.82 6.70
N GLU B 89 2.50 8.46 5.47
CA GLU B 89 3.35 7.64 4.68
C GLU B 89 4.71 8.36 4.47
N ILE B 90 4.65 9.65 4.20
CA ILE B 90 5.88 10.45 3.98
C ILE B 90 6.75 10.54 5.26
N LEU B 91 6.12 10.77 6.40
CA LEU B 91 6.87 10.74 7.66
C LEU B 91 7.47 9.38 7.92
N MET B 92 6.70 8.33 7.65
CA MET B 92 7.18 6.98 7.93
C MET B 92 8.32 6.58 7.02
N ILE B 93 8.22 6.87 5.73
CA ILE B 93 9.33 6.52 4.84
C ILE B 93 10.59 7.28 5.26
N GLY B 94 10.42 8.53 5.70
CA GLY B 94 11.56 9.28 6.18
C GLY B 94 12.16 8.65 7.42
N LEU B 95 11.33 8.28 8.41
CA LEU B 95 11.80 7.55 9.62
C LEU B 95 12.56 6.28 9.26
N VAL B 96 12.01 5.48 8.35
CA VAL B 96 12.63 4.23 7.93
C VAL B 96 14.00 4.50 7.29
N TRP B 97 14.05 5.48 6.39
CA TRP B 97 15.31 5.91 5.78
C TRP B 97 16.37 6.34 6.81
N ARG B 98 15.99 7.17 7.78
CA ARG B 98 16.92 7.62 8.81
C ARG B 98 17.40 6.49 9.70
N SER B 99 16.60 5.44 9.80
CA SER B 99 16.89 4.34 10.71
C SER B 99 17.70 3.22 10.07
N MET B 100 17.96 3.32 8.78
CA MET B 100 18.66 2.28 8.04
C MET B 100 19.94 1.88 8.68
N GLU B 101 20.73 2.83 9.11
CA GLU B 101 22.03 2.47 9.70
C GLU B 101 21.97 2.24 11.21
N HIS B 102 20.77 1.96 11.73
CA HIS B 102 20.55 1.66 13.15
C HIS B 102 19.73 0.38 13.34
N PRO B 103 20.31 -0.77 12.99
CA PRO B 103 19.56 -2.04 13.11
C PRO B 103 18.91 -2.17 14.48
N GLY B 104 17.63 -2.54 14.50
CA GLY B 104 16.93 -2.71 15.77
C GLY B 104 16.34 -1.45 16.35
N LYS B 105 16.58 -0.29 15.74
CA LYS B 105 16.11 0.96 16.33
C LYS B 105 15.47 1.85 15.30
N LEU B 106 14.64 2.76 15.80
CA LEU B 106 14.00 3.79 14.98
C LEU B 106 14.52 5.14 15.45
N LEU B 107 15.15 5.86 14.51
CA LEU B 107 15.74 7.15 14.79
C LEU B 107 14.64 8.16 14.53
N PHE B 108 13.77 8.33 15.52
CA PHE B 108 12.70 9.31 15.36
C PHE B 108 13.34 10.67 15.25
N ALA B 109 14.43 10.83 16.01
CA ALA B 109 15.21 12.04 16.01
C ALA B 109 16.58 11.67 16.50
N PRO B 110 17.54 12.56 16.30
CA PRO B 110 18.87 12.24 16.79
C PRO B 110 18.90 12.04 18.30
N ASN B 111 18.04 12.73 19.04
CA ASN B 111 17.93 12.53 20.49
C ASN B 111 16.77 11.64 20.92
N LEU B 112 16.24 10.84 19.97
CA LEU B 112 15.12 9.94 20.23
C LEU B 112 15.24 8.73 19.33
N LEU B 113 16.14 7.84 19.73
CA LEU B 113 16.45 6.61 19.02
C LEU B 113 15.94 5.51 19.92
N LEU B 114 14.85 4.90 19.51
CA LEU B 114 14.13 3.92 20.33
C LEU B 114 14.18 2.50 19.74
N ASP B 115 14.19 1.50 20.62
CA ASP B 115 13.98 0.12 20.23
C ASP B 115 12.54 -0.33 20.51
N ARG B 116 12.21 -1.56 20.13
CA ARG B 116 10.83 -2.05 20.24
C ARG B 116 10.35 -2.14 21.66
N ASN B 117 11.27 -2.44 22.58
CA ASN B 117 10.95 -2.49 24.00
C ASN B 117 10.50 -1.16 24.55
N GLN B 118 11.06 -0.08 24.03
CA GLN B 118 10.62 1.26 24.41
C GLN B 118 9.28 1.59 23.76
N GLY B 119 9.05 1.08 22.56
CA GLY B 119 7.76 1.22 21.91
C GLY B 119 6.59 0.64 22.70
N LYS B 120 6.86 -0.36 23.55
CA LYS B 120 5.81 -1.01 24.34
C LYS B 120 5.21 -0.07 25.36
N CYS B 121 5.90 1.02 25.66
CA CYS B 121 5.37 2.06 26.56
CA CYS B 121 5.37 2.06 26.57
C CYS B 121 4.01 2.63 26.09
N VAL B 122 3.78 2.62 24.79
CA VAL B 122 2.53 3.12 24.24
C VAL B 122 1.63 1.94 23.80
N GLU B 123 0.41 1.92 24.29
CA GLU B 123 -0.50 0.82 23.96
C GLU B 123 -0.69 0.71 22.45
N GLY B 124 -0.47 -0.49 21.91
CA GLY B 124 -0.65 -0.76 20.48
C GLY B 124 0.44 -0.26 19.55
N MET B 125 1.45 0.41 20.08
CA MET B 125 2.48 0.96 19.25
C MET B 125 3.51 -0.08 18.81
N VAL B 126 3.82 -1.07 19.64
CA VAL B 126 4.89 -2.01 19.28
C VAL B 126 4.67 -2.74 17.92
N GLU B 127 3.44 -3.07 17.59
CA GLU B 127 3.12 -3.67 16.30
C GLU B 127 3.54 -2.80 15.13
N ILE B 128 3.32 -1.49 15.25
CA ILE B 128 3.68 -0.56 14.21
C ILE B 128 5.24 -0.40 14.17
N PHE B 129 5.85 -0.33 15.35
CA PHE B 129 7.29 -0.29 15.46
C PHE B 129 7.93 -1.49 14.71
N ASP B 130 7.42 -2.68 14.96
CA ASP B 130 7.92 -3.89 14.29
C ASP B 130 7.86 -3.81 12.76
N MET B 131 6.78 -3.24 12.22
CA MET B 131 6.61 -3.07 10.77
C MET B 131 7.60 -2.06 10.24
N LEU B 132 7.80 -0.96 10.97
CA LEU B 132 8.80 0.03 10.57
C LEU B 132 10.20 -0.52 10.59
N LEU B 133 10.52 -1.26 11.63
CA LEU B 133 11.83 -1.91 11.72
C LEU B 133 12.07 -2.91 10.59
N ALA B 134 11.02 -3.65 10.22
CA ALA B 134 11.11 -4.60 9.12
C ALA B 134 11.39 -3.90 7.80
N THR B 135 10.74 -2.77 7.58
CA THR B 135 10.93 -1.98 6.37
C THR B 135 12.31 -1.38 6.31
N SER B 136 12.80 -0.92 7.46
CA SER B 136 14.18 -0.44 7.55
C SER B 136 15.17 -1.54 7.17
N SER B 137 14.95 -2.73 7.70
CA SER B 137 15.78 -3.87 7.35
C SER B 137 15.78 -4.18 5.87
N ARG B 138 14.60 -4.11 5.25
CA ARG B 138 14.46 -4.33 3.82
C ARG B 138 15.27 -3.31 2.99
N PHE B 139 15.13 -2.03 3.32
CA PHE B 139 15.93 -0.93 2.77
C PHE B 139 17.43 -1.26 2.87
N ARG B 140 17.86 -1.69 4.07
CA ARG B 140 19.26 -1.92 4.29
C ARG B 140 19.71 -3.06 3.38
N MET B 141 18.90 -4.13 3.32
CA MET B 141 19.23 -5.32 2.53
C MET B 141 19.24 -5.06 1.01
N MET B 142 18.40 -4.14 0.55
CA MET B 142 18.43 -3.68 -0.84
C MET B 142 19.49 -2.62 -1.11
N ASN B 143 20.18 -2.14 -0.08
CA ASN B 143 21.08 -0.98 -0.22
C ASN B 143 20.43 0.20 -0.92
N LEU B 144 19.27 0.57 -0.44
CA LEU B 144 18.56 1.72 -0.97
C LEU B 144 19.45 2.93 -0.92
N GLN B 145 19.50 3.65 -2.04
CA GLN B 145 20.33 4.84 -2.18
C GLN B 145 19.52 6.09 -1.95
N GLY B 146 20.18 7.16 -1.51
CA GLY B 146 19.51 8.42 -1.21
C GLY B 146 18.77 8.98 -2.41
N GLU B 147 19.34 8.85 -3.59
CA GLU B 147 18.67 9.29 -4.81
C GLU B 147 17.38 8.49 -5.11
N GLU B 148 17.41 7.19 -4.86
CA GLU B 148 16.21 6.37 -5.02
C GLU B 148 15.18 6.73 -3.95
N PHE B 149 15.67 6.93 -2.71
CA PHE B 149 14.75 7.32 -1.63
C PHE B 149 13.97 8.57 -1.97
N VAL B 150 14.60 9.60 -2.49
CA VAL B 150 13.88 10.85 -2.69
C VAL B 150 12.90 10.64 -3.81
N CYS B 151 13.22 9.80 -4.79
CA CYS B 151 12.23 9.47 -5.85
C CYS B 151 10.98 8.78 -5.28
N LEU B 152 11.17 7.80 -4.41
CA LEU B 152 10.08 7.08 -3.76
C LEU B 152 9.21 7.97 -2.90
N LYS B 153 9.82 8.91 -2.19
CA LYS B 153 9.04 9.79 -1.32
C LYS B 153 8.16 10.72 -2.22
N SER B 154 8.68 11.13 -3.37
CA SER B 154 7.93 11.98 -4.27
CA SER B 154 7.93 11.98 -4.27
C SER B 154 6.80 11.19 -4.94
N ILE B 155 7.08 9.93 -5.25
CA ILE B 155 6.02 9.03 -5.77
C ILE B 155 4.85 8.90 -4.77
N ILE B 156 5.16 8.73 -3.50
CA ILE B 156 4.10 8.67 -2.47
C ILE B 156 3.23 9.93 -2.49
N LEU B 157 3.84 11.09 -2.55
CA LEU B 157 3.09 12.35 -2.51
C LEU B 157 2.12 12.44 -3.67
N LEU B 158 2.60 12.10 -4.84
CA LEU B 158 1.79 12.25 -6.04
C LEU B 158 0.81 11.07 -6.24
N ASN B 159 1.14 9.86 -5.79
CA ASN B 159 0.32 8.68 -6.07
C ASN B 159 -0.80 8.41 -5.04
N SER B 160 -0.53 8.63 -3.77
CA SER B 160 -1.41 8.07 -2.72
C SER B 160 -2.83 8.56 -2.82
N GLY B 161 -3.02 9.83 -3.12
CA GLY B 161 -4.31 10.40 -3.25
C GLY B 161 -4.80 10.57 -4.68
N VAL B 162 -4.06 10.05 -5.66
CA VAL B 162 -4.38 10.35 -7.06
C VAL B 162 -5.67 9.73 -7.57
N TYR B 163 -6.06 8.55 -7.07
CA TYR B 163 -7.28 7.86 -7.57
C TYR B 163 -8.49 8.22 -6.72
N THR B 164 -8.27 9.03 -5.68
CA THR B 164 -9.37 9.72 -4.96
C THR B 164 -9.62 11.15 -5.49
N PHE B 165 -8.91 11.54 -6.55
CA PHE B 165 -9.16 12.83 -7.23
C PHE B 165 -10.60 12.92 -7.68
N THR B 169 -14.56 18.92 -13.56
CA THR B 169 -15.32 18.38 -14.69
C THR B 169 -14.41 17.56 -15.62
N LEU B 170 -13.43 18.25 -16.22
CA LEU B 170 -12.47 17.62 -17.16
C LEU B 170 -11.13 18.34 -17.23
N LYS B 171 -11.05 19.55 -16.67
CA LYS B 171 -9.78 20.12 -16.23
C LYS B 171 -9.34 19.35 -14.98
N SER B 172 -10.29 18.58 -14.43
CA SER B 172 -10.03 17.60 -13.39
C SER B 172 -9.13 16.47 -13.90
N LEU B 173 -9.53 15.86 -15.03
CA LEU B 173 -8.78 14.75 -15.63
C LEU B 173 -7.46 15.21 -16.26
N GLU B 174 -7.37 16.49 -16.58
CA GLU B 174 -6.11 17.12 -16.94
C GLU B 174 -5.15 17.20 -15.76
N GLU B 175 -5.69 17.47 -14.57
CA GLU B 175 -4.89 17.40 -13.33
C GLU B 175 -4.38 15.98 -13.12
N LYS B 176 -5.30 15.00 -13.23
CA LYS B 176 -4.97 13.57 -13.11
C LYS B 176 -3.93 13.13 -14.16
N ASP B 177 -4.10 13.54 -15.43
CA ASP B 177 -3.11 13.17 -16.45
C ASP B 177 -1.74 13.81 -16.26
N HIS B 178 -1.76 15.05 -15.81
CA HIS B 178 -0.56 15.78 -15.42
C HIS B 178 0.21 15.01 -14.37
N ILE B 179 -0.49 14.59 -13.32
CA ILE B 179 0.12 13.82 -12.21
C ILE B 179 0.74 12.56 -12.76
N HIS B 180 0.03 11.89 -13.68
CA HIS B 180 0.56 10.65 -14.25
C HIS B 180 1.77 10.83 -15.15
N ARG B 181 1.80 11.93 -15.90
CA ARG B 181 3.01 12.27 -16.65
C ARG B 181 4.20 12.51 -15.73
N VAL B 182 3.98 13.23 -14.64
CA VAL B 182 5.04 13.45 -13.67
C VAL B 182 5.53 12.14 -13.06
N LEU B 183 4.59 11.29 -12.64
CA LEU B 183 4.96 10.00 -12.08
C LEU B 183 5.78 9.17 -13.09
N ASP B 184 5.42 9.24 -14.36
CA ASP B 184 6.20 8.59 -15.48
C ASP B 184 7.64 9.12 -15.57
N LYS B 185 7.83 10.42 -15.39
CA LYS B 185 9.18 11.00 -15.36
C LYS B 185 9.96 10.47 -14.15
N ILE B 186 9.29 10.28 -13.02
CA ILE B 186 10.01 9.79 -11.84
C ILE B 186 10.42 8.35 -12.08
N THR B 187 9.57 7.56 -12.75
CA THR B 187 9.97 6.20 -13.13
C THR B 187 11.22 6.25 -14.03
N ASP B 188 11.17 7.09 -15.04
CA ASP B 188 12.30 7.27 -15.97
C ASP B 188 13.55 7.61 -15.16
N THR B 189 13.39 8.47 -14.17
CA THR B 189 14.50 8.89 -13.30
C THR B 189 15.06 7.72 -12.49
N LEU B 190 14.19 6.88 -11.96
CA LEU B 190 14.68 5.71 -11.20
C LEU B 190 15.46 4.78 -12.07
N ILE B 191 14.96 4.52 -13.27
CA ILE B 191 15.66 3.64 -14.20
C ILE B 191 17.03 4.19 -14.60
N HIS B 192 17.09 5.45 -14.99
CA HIS B 192 18.35 6.16 -15.19
C HIS B 192 19.35 5.96 -14.05
N LEU B 193 18.91 6.17 -12.82
CA LEU B 193 19.77 5.97 -11.63
C LEU B 193 20.37 4.57 -11.55
N MET B 194 19.53 3.58 -11.76
CA MET B 194 19.93 2.16 -11.73
C MET B 194 20.88 1.80 -12.85
N ALA B 195 20.56 2.25 -14.07
CA ALA B 195 21.45 2.13 -15.22
C ALA B 195 22.85 2.75 -14.91
N LYS B 196 22.84 3.99 -14.45
CA LYS B 196 24.06 4.73 -14.07
C LYS B 196 24.83 3.99 -12.99
N ALA B 197 24.11 3.34 -12.08
CA ALA B 197 24.74 2.51 -11.03
C ALA B 197 25.30 1.19 -11.54
N GLY B 198 25.08 0.84 -12.80
CA GLY B 198 25.67 -0.37 -13.37
C GLY B 198 24.76 -1.57 -13.47
N LEU B 199 23.49 -1.42 -13.10
CA LEU B 199 22.55 -2.55 -13.13
C LEU B 199 22.23 -2.97 -14.58
N THR B 200 22.21 -4.28 -14.81
CA THR B 200 21.74 -4.82 -16.08
C THR B 200 20.25 -4.44 -16.38
N LEU B 201 19.85 -4.55 -17.64
CA LEU B 201 18.49 -4.23 -18.01
C LEU B 201 17.49 -5.02 -17.16
N GLN B 202 17.74 -6.31 -17.00
CA GLN B 202 16.83 -7.16 -16.23
C GLN B 202 16.86 -6.74 -14.76
N GLN B 203 18.03 -6.44 -14.25
CA GLN B 203 18.16 -5.95 -12.87
C GLN B 203 17.44 -4.64 -12.62
N GLN B 204 17.38 -3.80 -13.64
CA GLN B 204 16.65 -2.54 -13.53
C GLN B 204 15.15 -2.75 -13.30
N HIS B 205 14.50 -3.58 -14.13
CA HIS B 205 13.11 -3.78 -13.92
C HIS B 205 12.79 -4.53 -12.63
N GLN B 206 13.66 -5.44 -12.24
CA GLN B 206 13.45 -6.21 -11.01
C GLN B 206 13.55 -5.32 -9.79
N ARG B 207 14.52 -4.42 -9.79
CA ARG B 207 14.70 -3.49 -8.68
C ARG B 207 13.57 -2.42 -8.64
N LEU B 208 13.15 -1.91 -9.80
CA LEU B 208 12.03 -0.98 -9.86
C LEU B 208 10.82 -1.61 -9.15
N ALA B 209 10.54 -2.87 -9.48
CA ALA B 209 9.39 -3.56 -8.90
C ALA B 209 9.57 -3.74 -7.38
N GLN B 210 10.73 -4.14 -6.94
CA GLN B 210 11.00 -4.33 -5.50
C GLN B 210 10.78 -3.02 -4.75
N LEU B 211 11.26 -1.93 -5.31
CA LEU B 211 11.11 -0.66 -4.63
C LEU B 211 9.63 -0.24 -4.59
N LEU B 212 8.91 -0.44 -5.69
CA LEU B 212 7.53 0.02 -5.74
C LEU B 212 6.62 -0.84 -4.87
N LEU B 213 6.93 -2.12 -4.73
CA LEU B 213 6.14 -2.98 -3.88
C LEU B 213 6.29 -2.62 -2.39
N ILE B 214 7.42 -2.02 -2.02
CA ILE B 214 7.56 -1.50 -0.62
C ILE B 214 6.56 -0.40 -0.31
N LEU B 215 6.15 0.36 -1.32
CA LEU B 215 5.13 1.39 -1.13
C LEU B 215 3.80 0.84 -0.66
N SER B 216 3.50 -0.41 -1.05
CA SER B 216 2.32 -1.13 -0.55
CA SER B 216 2.30 -1.07 -0.53
C SER B 216 2.41 -1.32 0.96
N HIS B 217 3.61 -1.65 1.42
CA HIS B 217 3.83 -1.86 2.87
CA HIS B 217 3.83 -1.84 2.85
C HIS B 217 3.79 -0.54 3.62
N ILE B 218 4.31 0.51 3.01
CA ILE B 218 4.32 1.82 3.65
C ILE B 218 2.84 2.29 3.80
N ARG B 219 2.04 2.07 2.77
CA ARG B 219 0.62 2.42 2.85
C ARG B 219 -0.04 1.68 4.01
N HIS B 220 0.25 0.40 4.10
CA HIS B 220 -0.31 -0.42 5.16
C HIS B 220 0.05 0.12 6.54
N MET B 221 1.32 0.42 6.71
CA MET B 221 1.83 1.02 7.98
C MET B 221 1.21 2.35 8.32
N SER B 222 1.05 3.19 7.31
CA SER B 222 0.31 4.45 7.47
C SER B 222 -1.11 4.25 7.96
N ASN B 223 -1.84 3.33 7.33
CA ASN B 223 -3.21 3.04 7.74
C ASN B 223 -3.30 2.51 9.17
N LYS B 224 -2.39 1.63 9.53
CA LYS B 224 -2.34 1.16 10.90
C LYS B 224 -1.98 2.30 11.89
N GLY B 225 -1.00 3.15 11.52
CA GLY B 225 -0.61 4.28 12.38
C GLY B 225 -1.73 5.29 12.55
N MET B 226 -2.54 5.47 11.50
CA MET B 226 -3.60 6.46 11.56
C MET B 226 -4.71 5.97 12.49
N GLU B 227 -5.01 4.67 12.42
CA GLU B 227 -5.95 4.04 13.36
C GLU B 227 -5.46 4.18 14.83
N HIS B 228 -4.17 3.92 15.03
CA HIS B 228 -3.53 4.07 16.34
C HIS B 228 -3.59 5.52 16.85
N LEU B 229 -3.21 6.47 16.01
CA LEU B 229 -3.27 7.88 16.39
C LEU B 229 -4.68 8.30 16.77
N TYR B 230 -5.65 7.84 15.99
CA TYR B 230 -7.07 8.11 16.29
C TYR B 230 -7.51 7.53 17.65
N SER B 231 -7.04 6.34 17.98
CA SER B 231 -7.33 5.77 19.29
C SER B 231 -6.69 6.60 20.41
N MET B 232 -5.46 7.08 20.21
CA MET B 232 -4.82 7.95 21.19
C MET B 232 -5.59 9.24 21.39
N LYS B 233 -6.07 9.83 20.29
CA LYS B 233 -6.95 10.99 20.37
C LYS B 233 -8.25 10.66 21.09
N CYS B 234 -8.85 9.52 20.74
CA CYS B 234 -10.17 9.17 21.31
C CYS B 234 -10.14 8.72 22.79
N LYS B 235 -8.96 8.39 23.27
CA LYS B 235 -8.74 8.07 24.68
C LYS B 235 -8.11 9.24 25.46
N ASN B 236 -8.06 10.42 24.86
CA ASN B 236 -7.49 11.61 25.53
C ASN B 236 -6.08 11.36 26.07
N VAL B 237 -5.26 10.63 25.31
CA VAL B 237 -3.88 10.36 25.74
C VAL B 237 -2.96 11.61 25.63
N VAL B 238 -3.12 12.32 24.53
CA VAL B 238 -2.24 13.40 24.13
C VAL B 238 -3.15 14.42 23.39
N PRO B 239 -2.90 15.72 23.58
CA PRO B 239 -3.58 16.73 22.78
C PRO B 239 -2.86 16.92 21.45
N LEU B 240 -3.59 16.80 20.36
CA LEU B 240 -3.03 16.95 19.03
C LEU B 240 -3.21 18.41 18.64
N SER B 241 -2.24 18.94 17.92
CA SER B 241 -2.37 20.27 17.36
C SER B 241 -3.57 20.36 16.41
N ASP B 242 -3.98 21.58 16.11
CA ASP B 242 -5.10 21.75 15.21
C ASP B 242 -4.73 21.19 13.84
N LEU B 243 -3.47 21.36 13.43
CA LEU B 243 -3.03 20.79 12.16
C LEU B 243 -3.16 19.27 12.17
N LEU B 244 -2.57 18.61 13.17
CA LEU B 244 -2.65 17.14 13.22
CA LEU B 244 -2.62 17.15 13.22
C LEU B 244 -4.08 16.63 13.30
N LEU B 245 -4.94 17.35 14.02
CA LEU B 245 -6.36 16.99 14.11
C LEU B 245 -6.99 17.03 12.72
N GLU B 246 -6.67 18.06 11.93
CA GLU B 246 -7.23 18.17 10.58
C GLU B 246 -6.69 17.09 9.65
N MET B 247 -5.39 16.82 9.73
CA MET B 247 -4.77 15.77 8.91
C MET B 247 -5.37 14.40 9.28
N LEU B 248 -5.56 14.17 10.57
CA LEU B 248 -6.14 12.92 11.02
C LEU B 248 -7.57 12.81 10.52
N ASP B 249 -8.31 13.91 10.63
CA ASP B 249 -9.72 13.94 10.30
C ASP B 249 -10.02 13.66 8.83
N ALA B 250 -9.10 14.08 7.98
CA ALA B 250 -9.12 13.76 6.53
C ALA B 250 -9.26 12.27 6.24
N HIS B 251 -8.79 11.45 7.18
CA HIS B 251 -8.83 9.99 7.07
C HIS B 251 -10.10 9.40 7.68
N ARG B 252 -10.80 10.22 8.48
CA ARG B 252 -12.16 9.95 8.95
C ARG B 252 -12.34 8.53 9.47
N LEU B 253 -11.61 8.22 10.55
CA LEU B 253 -11.59 6.87 11.14
C LEU B 253 -12.69 6.74 12.20
N HIS B 254 -12.88 5.52 12.70
CA HIS B 254 -13.73 5.27 13.87
C HIS B 254 -13.11 4.19 14.76
N HIS C 2 -6.52 -18.95 12.09
CA HIS C 2 -5.76 -20.14 12.55
C HIS C 2 -6.14 -21.43 11.82
N LYS C 3 -7.21 -22.10 12.26
CA LYS C 3 -7.39 -23.52 11.95
C LYS C 3 -8.15 -23.84 10.67
N ILE C 4 -9.31 -23.22 10.39
CA ILE C 4 -10.07 -23.55 9.15
C ILE C 4 -9.17 -23.43 7.93
N LEU C 5 -8.48 -22.30 7.81
CA LEU C 5 -7.59 -22.04 6.68
C LEU C 5 -6.53 -23.12 6.57
N HIS C 6 -6.02 -23.56 7.73
CA HIS C 6 -5.05 -24.66 7.78
C HIS C 6 -5.56 -25.90 7.09
N ARG C 7 -6.76 -26.32 7.49
CA ARG C 7 -7.42 -27.50 6.93
C ARG C 7 -7.68 -27.33 5.45
N LEU C 8 -8.11 -26.14 5.03
CA LEU C 8 -8.46 -25.93 3.62
C LEU C 8 -7.19 -26.11 2.78
N LEU C 9 -6.07 -25.64 3.31
CA LEU C 9 -4.82 -25.65 2.54
C LEU C 9 -4.36 -27.08 2.33
N GLN C 10 -4.47 -27.89 3.37
CA GLN C 10 -4.09 -29.30 3.28
C GLN C 10 -5.05 -30.11 2.37
N ASP C 11 -6.30 -29.67 2.31
CA ASP C 11 -7.40 -30.46 1.69
C ASP C 11 -7.60 -30.17 0.20
N LYS D 1 -14.72 28.12 7.62
CA LYS D 1 -14.05 26.83 7.95
C LYS D 1 -12.88 26.57 7.00
N HIS D 2 -11.87 27.43 7.11
CA HIS D 2 -10.63 27.35 6.30
C HIS D 2 -9.57 26.39 6.91
N LYS D 3 -9.21 25.35 6.17
CA LYS D 3 -8.23 24.38 6.67
C LYS D 3 -6.87 25.03 6.88
N ILE D 4 -6.21 24.62 7.96
CA ILE D 4 -4.88 25.11 8.29
C ILE D 4 -3.89 24.78 7.17
N LEU D 5 -4.01 23.59 6.63
CA LEU D 5 -3.10 23.15 5.57
C LEU D 5 -3.25 24.03 4.34
N HIS D 6 -4.49 24.40 4.01
CA HIS D 6 -4.77 25.27 2.86
C HIS D 6 -4.05 26.61 3.02
N ARG D 7 -4.07 27.17 4.25
CA ARG D 7 -3.36 28.44 4.45
C ARG D 7 -1.84 28.25 4.39
N LEU D 8 -1.33 27.18 4.99
CA LEU D 8 0.11 26.96 5.04
C LEU D 8 0.68 26.73 3.63
N LEU D 9 -0.12 26.14 2.77
CA LEU D 9 0.26 25.93 1.41
C LEU D 9 0.44 27.27 0.67
N GLN D 10 -0.09 28.35 1.23
CA GLN D 10 0.14 29.69 0.64
C GLN D 10 1.30 30.52 1.22
N ASP D 11 1.57 30.40 2.51
CA ASP D 11 2.64 31.17 3.18
C ASP D 11 3.99 30.97 2.50
CAI 1HP E . -16.69 -6.81 0.07
CAQ 1HP E . -16.72 -6.27 1.34
NAR 1HP E . -16.63 -5.03 1.78
CAA 1HP E . -16.43 -3.84 0.92
CAM 1HP E . -16.73 -5.05 3.10
NAB 1HP E . -16.69 -3.98 3.89
NAK 1HP E . -16.90 -6.29 3.53
CAP 1HP E . -16.90 -7.08 2.46
NAJ 1HP E . -17.03 -8.42 2.31
CAH 1HP E . -16.99 -8.97 1.12
CAO 1HP E . -16.84 -8.19 -0.04
CAN 1HP E . -16.76 -8.81 -1.27
CAF 1HP E . -17.59 -9.86 -1.64
CAD 1HP E . -17.42 -10.45 -2.90
CAL 1HP E . -16.42 -9.98 -3.75
OAC 1HP E . -16.22 -10.52 -4.97
CAE 1HP E . -15.58 -8.94 -3.36
CAG 1HP E . -15.75 -8.35 -2.12
CAI 1HP F . 4.07 8.14 14.52
CAQ 1HP F . 2.82 7.90 15.09
NAR 1HP F . 2.14 6.80 15.38
CAA 1HP F . 2.62 5.42 15.14
CAM 1HP F . 0.97 7.15 15.90
NAB 1HP F . 0.01 6.36 16.32
NAK 1HP F . 0.87 8.48 15.96
CAP 1HP F . 2.00 8.98 15.47
NAJ 1HP F . 2.39 10.25 15.30
CAH 1HP F . 3.58 10.50 14.77
CAO 1HP F . 4.48 9.47 14.38
CAN 1HP F . 5.69 9.85 13.81
CAF 1HP F . 6.19 9.13 12.72
CAD 1HP F . 7.37 9.54 12.12
CAL 1HP F . 8.04 10.67 12.60
OAC 1HP F . 9.19 11.07 11.98
CAE 1HP F . 7.53 11.40 13.67
CAG 1HP F . 6.36 10.98 14.27
#